data_7DKO
#
_entry.id   7DKO
#
_cell.length_a   61.260
_cell.length_b   58.620
_cell.length_c   108.348
_cell.angle_alpha   90.000
_cell.angle_beta   91.340
_cell.angle_gamma   90.000
#
_symmetry.space_group_name_H-M   'I 1 2 1'
#
loop_
_entity.id
_entity.type
_entity.pdbx_description
1 polymer 'de novo designed protein AM2M'
2 water water
#
_entity_poly.entity_id   1
_entity_poly.type   'polypeptide(L)'
_entity_poly.pdbx_seq_one_letter_code
;MASAEAEVKPDATIEEIRAAARRLAEALRKAGVSGPVTVTAEAGDVSFSYTADLDGTEEGLKRVVEAIVRAAIAALKATG
GTKPVLLSAVLE
;
_entity_poly.pdbx_strand_id   A,B,C
#
# COMPACT_ATOMS: atom_id res chain seq x y z
N ALA A 2 -7.37 -9.14 -0.45
CA ALA A 2 -6.38 -8.64 -1.38
C ALA A 2 -5.79 -7.33 -0.88
N SER A 3 -5.47 -7.26 0.41
CA SER A 3 -4.97 -6.04 1.02
C SER A 3 -4.18 -6.40 2.27
N ALA A 4 -3.06 -5.72 2.47
CA ALA A 4 -2.25 -5.93 3.67
C ALA A 4 -1.50 -4.65 3.99
N GLU A 5 -1.43 -4.31 5.27
CA GLU A 5 -0.76 -3.10 5.73
C GLU A 5 0.08 -3.42 6.95
N ALA A 6 1.18 -2.68 7.09
CA ALA A 6 2.00 -2.71 8.28
C ALA A 6 2.57 -1.31 8.46
N GLU A 7 2.65 -0.85 9.70
CA GLU A 7 3.23 0.45 9.98
C GLU A 7 4.60 0.21 10.57
N VAL A 8 5.61 0.80 9.94
CA VAL A 8 7.02 0.67 10.31
C VAL A 8 7.46 1.94 11.03
N LYS A 9 8.19 1.77 12.15
CA LYS A 9 8.68 2.88 12.93
C LYS A 9 9.78 3.63 12.18
N PRO A 10 9.95 4.93 12.45
CA PRO A 10 10.98 5.70 11.72
C PRO A 10 12.39 5.23 11.99
N ASP A 11 12.64 4.75 13.22
CA ASP A 11 13.92 4.29 13.74
C ASP A 11 14.22 2.83 13.38
N ALA A 12 13.52 2.27 12.39
CA ALA A 12 13.60 0.84 12.11
C ALA A 12 14.89 0.43 11.41
N THR A 13 15.40 -0.75 11.79
CA THR A 13 16.53 -1.35 11.12
C THR A 13 16.08 -1.98 9.81
N ILE A 14 17.04 -2.29 8.94
CA ILE A 14 16.68 -2.94 7.67
C ILE A 14 16.06 -4.31 7.93
N GLU A 15 16.51 -5.00 8.98
CA GLU A 15 15.92 -6.30 9.28
C GLU A 15 14.44 -6.14 9.63
N GLU A 16 14.11 -5.08 10.37
CA GLU A 16 12.72 -4.81 10.73
C GLU A 16 11.86 -4.50 9.51
N ILE A 17 12.40 -3.72 8.58
CA ILE A 17 11.69 -3.41 7.34
C ILE A 17 11.43 -4.67 6.54
N ARG A 18 12.44 -5.54 6.42
CA ARG A 18 12.25 -6.77 5.66
C ARG A 18 11.24 -7.67 6.35
N ALA A 19 11.23 -7.65 7.68
CA ALA A 19 10.25 -8.42 8.45
C ALA A 19 8.85 -7.95 8.14
N ALA A 20 8.63 -6.64 8.19
CA ALA A 20 7.32 -6.11 7.84
C ALA A 20 6.92 -6.54 6.43
N ALA A 21 7.85 -6.40 5.47
CA ALA A 21 7.59 -6.78 4.08
C ALA A 21 7.16 -8.24 3.96
N ARG A 22 7.88 -9.15 4.66
CA ARG A 22 7.53 -10.56 4.60
C ARG A 22 6.20 -10.84 5.29
N ARG A 23 5.83 -10.03 6.28
CA ARG A 23 4.51 -10.23 6.87
C ARG A 23 3.42 -9.86 5.87
N LEU A 24 3.59 -8.75 5.14
CA LEU A 24 2.59 -8.38 4.14
C LEU A 24 2.48 -9.42 3.03
N ALA A 25 3.61 -9.79 2.45
CA ALA A 25 3.56 -10.78 1.38
C ALA A 25 3.04 -12.12 1.90
N GLU A 26 3.34 -12.45 3.17
CA GLU A 26 2.88 -13.72 3.74
C GLU A 26 1.38 -13.71 4.02
N ALA A 27 0.82 -12.55 4.35
CA ALA A 27 -0.62 -12.44 4.49
C ALA A 27 -1.32 -12.55 3.14
N LEU A 28 -0.73 -11.95 2.09
CA LEU A 28 -1.31 -12.14 0.76
C LEU A 28 -1.20 -13.58 0.31
N ARG A 29 -0.09 -14.25 0.63
CA ARG A 29 0.06 -15.66 0.33
C ARG A 29 -1.02 -16.51 1.02
N LYS A 30 -1.64 -16.02 2.09
CA LYS A 30 -2.50 -16.87 2.90
C LYS A 30 -3.96 -16.80 2.46
N ALA A 31 -4.22 -16.33 1.24
CA ALA A 31 -5.56 -16.34 0.69
C ALA A 31 -5.65 -17.17 -0.58
N GLY A 32 -4.59 -17.90 -0.92
CA GLY A 32 -4.62 -18.65 -2.16
C GLY A 32 -4.68 -17.70 -3.32
N VAL A 33 -4.26 -16.46 -3.09
CA VAL A 33 -4.49 -15.35 -4.00
C VAL A 33 -3.23 -15.07 -4.80
N SER A 34 -3.40 -15.00 -6.12
CA SER A 34 -2.35 -14.87 -7.13
C SER A 34 -2.65 -13.70 -8.06
N GLY A 35 -1.61 -12.98 -8.45
CA GLY A 35 -1.78 -11.89 -9.39
C GLY A 35 -0.76 -10.79 -9.20
N PRO A 36 -0.89 -9.73 -10.00
CA PRO A 36 -0.03 -8.55 -9.80
C PRO A 36 -0.41 -7.88 -8.49
N VAL A 37 0.60 -7.57 -7.70
CA VAL A 37 0.47 -6.87 -6.45
C VAL A 37 1.07 -5.49 -6.62
N THR A 38 0.31 -4.45 -6.29
CA THR A 38 0.84 -3.10 -6.23
C THR A 38 1.14 -2.79 -4.77
N VAL A 39 2.41 -2.51 -4.48
CA VAL A 39 2.89 -2.19 -3.15
C VAL A 39 3.18 -0.70 -3.09
N THR A 40 2.98 -0.14 -1.90
CA THR A 40 3.11 1.29 -1.67
C THR A 40 3.68 1.53 -0.28
N ALA A 41 4.61 2.50 -0.18
CA ALA A 41 5.11 2.99 1.10
C ALA A 41 4.74 4.47 1.18
N GLU A 42 4.00 4.84 2.23
CA GLU A 42 3.55 6.20 2.46
C GLU A 42 4.21 6.79 3.68
N ALA A 43 4.76 7.99 3.55
CA ALA A 43 5.39 8.65 4.69
C ALA A 43 5.27 10.15 4.53
N GLY A 44 4.67 10.81 5.51
CA GLY A 44 4.54 12.26 5.47
C GLY A 44 3.83 12.74 4.23
N ASP A 45 4.54 13.42 3.34
CA ASP A 45 3.91 13.92 2.12
C ASP A 45 4.43 13.24 0.87
N VAL A 46 4.98 12.02 0.99
CA VAL A 46 5.50 11.26 -0.14
C VAL A 46 4.91 9.85 -0.13
N SER A 47 4.87 9.25 -1.32
CA SER A 47 4.40 7.88 -1.47
C SER A 47 5.11 7.28 -2.67
N PHE A 48 5.54 6.01 -2.55
CA PHE A 48 6.19 5.30 -3.65
C PHE A 48 5.58 3.91 -3.83
N SER A 49 5.39 3.53 -5.10
CA SER A 49 4.65 2.33 -5.45
C SER A 49 5.42 1.54 -6.51
N TYR A 50 5.38 0.22 -6.40
CA TYR A 50 5.90 -0.68 -7.42
C TYR A 50 4.94 -1.83 -7.62
N THR A 51 5.12 -2.58 -8.69
CA THR A 51 4.27 -3.73 -8.94
C THR A 51 5.15 -4.96 -9.11
N ALA A 52 4.79 -6.02 -8.38
CA ALA A 52 5.52 -7.27 -8.40
C ALA A 52 4.50 -8.39 -8.56
N ASP A 53 4.83 -9.37 -9.36
CA ASP A 53 3.92 -10.47 -9.64
C ASP A 53 3.99 -11.48 -8.49
N LEU A 54 2.87 -11.72 -7.84
CA LEU A 54 2.74 -12.75 -6.82
C LEU A 54 2.12 -13.95 -7.51
N ASP A 55 2.96 -14.90 -7.93
CA ASP A 55 2.50 -15.98 -8.79
C ASP A 55 2.30 -17.32 -8.07
N GLY A 56 2.89 -17.49 -6.88
CA GLY A 56 2.79 -18.73 -6.14
C GLY A 56 4.13 -19.33 -5.81
N THR A 57 5.12 -19.11 -6.68
CA THR A 57 6.50 -19.50 -6.42
C THR A 57 7.09 -18.72 -5.24
N GLU A 58 8.04 -19.36 -4.57
CA GLU A 58 8.86 -18.66 -3.59
C GLU A 58 9.52 -17.43 -4.23
N GLU A 59 9.95 -17.57 -5.49
CA GLU A 59 10.63 -16.48 -6.16
C GLU A 59 9.72 -15.27 -6.34
N GLY A 60 8.44 -15.51 -6.62
CA GLY A 60 7.49 -14.41 -6.69
C GLY A 60 7.32 -13.74 -5.34
N LEU A 61 7.29 -14.54 -4.27
CA LEU A 61 7.19 -13.95 -2.93
C LEU A 61 8.39 -13.06 -2.64
N LYS A 62 9.60 -13.50 -2.99
CA LYS A 62 10.78 -12.68 -2.69
C LYS A 62 10.83 -11.43 -3.57
N ARG A 63 10.35 -11.52 -4.82
CA ARG A 63 10.16 -10.32 -5.64
C ARG A 63 9.26 -9.30 -4.94
N VAL A 64 8.10 -9.76 -4.46
CA VAL A 64 7.14 -8.88 -3.80
C VAL A 64 7.77 -8.25 -2.55
N VAL A 65 8.48 -9.05 -1.75
CA VAL A 65 9.18 -8.56 -0.57
C VAL A 65 10.20 -7.49 -0.96
N GLU A 66 10.91 -7.68 -2.08
CA GLU A 66 11.95 -6.72 -2.42
C GLU A 66 11.34 -5.42 -2.92
N ALA A 67 10.20 -5.51 -3.61
CA ALA A 67 9.46 -4.31 -3.99
C ALA A 67 9.00 -3.54 -2.76
N ILE A 68 8.50 -4.25 -1.75
CA ILE A 68 8.05 -3.56 -0.54
C ILE A 68 9.22 -2.86 0.13
N VAL A 69 10.38 -3.52 0.21
CA VAL A 69 11.53 -2.95 0.91
C VAL A 69 12.11 -1.78 0.13
N ARG A 70 12.07 -1.85 -1.21
CA ARG A 70 12.42 -0.74 -2.08
C ARG A 70 11.58 0.49 -1.77
N ALA A 71 10.25 0.33 -1.87
CA ALA A 71 9.35 1.45 -1.60
C ALA A 71 9.59 2.01 -0.19
N ALA A 72 9.74 1.12 0.80
CA ALA A 72 9.95 1.55 2.18
C ALA A 72 11.20 2.41 2.30
N ILE A 73 12.32 1.94 1.74
CA ILE A 73 13.55 2.72 1.87
C ILE A 73 13.42 4.06 1.15
N ALA A 74 12.76 4.09 -0.01
CA ALA A 74 12.52 5.38 -0.66
C ALA A 74 11.76 6.32 0.26
N ALA A 75 10.74 5.80 0.93
CA ALA A 75 9.91 6.63 1.81
C ALA A 75 10.72 7.15 2.99
N LEU A 76 11.54 6.29 3.60
CA LEU A 76 12.31 6.71 4.77
C LEU A 76 13.37 7.72 4.39
N LYS A 77 14.03 7.52 3.24
CA LYS A 77 14.98 8.50 2.76
C LYS A 77 14.30 9.82 2.43
N ALA A 78 13.13 9.78 1.79
CA ALA A 78 12.41 10.99 1.43
C ALA A 78 11.86 11.74 2.65
N THR A 79 11.65 11.06 3.78
CA THR A 79 11.21 11.74 5.00
C THR A 79 12.31 11.83 6.06
N GLY A 80 13.55 11.49 5.71
CA GLY A 80 14.66 11.63 6.64
C GLY A 80 14.64 10.73 7.86
N GLY A 81 13.93 9.61 7.81
CA GLY A 81 13.88 8.69 8.94
C GLY A 81 13.29 9.29 10.19
N THR A 82 12.44 10.29 10.05
CA THR A 82 11.79 10.94 11.18
C THR A 82 10.28 10.75 11.19
N LYS A 83 9.74 9.99 10.23
CA LYS A 83 8.30 9.82 10.11
C LYS A 83 7.97 8.34 9.93
N PRO A 84 6.89 7.84 10.52
CA PRO A 84 6.50 6.44 10.30
C PRO A 84 6.16 6.20 8.84
N VAL A 85 6.30 4.94 8.42
CA VAL A 85 6.02 4.56 7.04
C VAL A 85 4.91 3.52 7.04
N LEU A 86 3.88 3.74 6.26
CA LEU A 86 2.82 2.76 6.11
C LEU A 86 3.09 1.95 4.84
N LEU A 87 3.40 0.68 5.02
CA LEU A 87 3.56 -0.28 3.94
C LEU A 87 2.22 -0.93 3.64
N SER A 88 1.89 -1.05 2.36
CA SER A 88 0.64 -1.67 1.99
C SER A 88 0.83 -2.40 0.68
N ALA A 89 0.07 -3.47 0.49
CA ALA A 89 0.15 -4.32 -0.68
C ALA A 89 -1.26 -4.70 -1.06
N VAL A 90 -1.62 -4.41 -2.31
CA VAL A 90 -2.97 -4.60 -2.80
C VAL A 90 -2.94 -5.52 -4.02
N LEU A 91 -3.83 -6.49 -4.00
CA LEU A 91 -3.92 -7.51 -5.02
C LEU A 91 -5.20 -7.40 -5.83
N ALA B 2 7.66 2.24 -10.38
CA ALA B 2 6.45 2.36 -11.20
C ALA B 2 5.68 3.64 -10.93
N SER B 3 5.65 4.14 -9.68
CA SER B 3 4.84 5.31 -9.34
C SER B 3 5.45 6.06 -8.16
N ALA B 4 5.41 7.39 -8.20
CA ALA B 4 5.96 8.17 -7.10
C ALA B 4 5.25 9.53 -6.99
N GLU B 5 4.99 9.95 -5.74
CA GLU B 5 4.30 11.21 -5.47
C GLU B 5 4.98 11.96 -4.33
N ALA B 6 4.95 13.29 -4.42
CA ALA B 6 5.38 14.16 -3.34
C ALA B 6 4.59 15.45 -3.43
N GLU B 7 4.20 16.00 -2.29
CA GLU B 7 3.50 17.27 -2.27
C GLU B 7 4.47 18.32 -1.75
N VAL B 8 4.68 19.38 -2.54
CA VAL B 8 5.59 20.46 -2.20
C VAL B 8 4.77 21.66 -1.75
N LYS B 9 5.26 22.35 -0.73
CA LYS B 9 4.58 23.52 -0.21
C LYS B 9 4.76 24.71 -1.14
N PRO B 10 3.81 25.66 -1.10
CA PRO B 10 3.93 26.84 -1.98
C PRO B 10 5.18 27.66 -1.74
N ASP B 11 5.70 27.70 -0.50
CA ASP B 11 6.89 28.49 -0.20
C ASP B 11 8.18 27.71 -0.46
N ALA B 12 8.15 26.65 -1.25
CA ALA B 12 9.32 25.81 -1.44
C ALA B 12 10.34 26.53 -2.31
N THR B 13 11.63 26.28 -2.02
CA THR B 13 12.71 26.81 -2.84
C THR B 13 12.87 25.97 -4.12
N ILE B 14 13.63 26.53 -5.06
CA ILE B 14 13.95 25.79 -6.29
C ILE B 14 14.76 24.54 -5.95
N GLU B 15 15.65 24.65 -4.96
CA GLU B 15 16.43 23.49 -4.56
C GLU B 15 15.55 22.38 -4.02
N GLU B 16 14.51 22.75 -3.26
CA GLU B 16 13.58 21.76 -2.71
C GLU B 16 12.76 21.08 -3.82
N ILE B 17 12.33 21.87 -4.82
CA ILE B 17 11.61 21.31 -5.96
C ILE B 17 12.49 20.34 -6.76
N ARG B 18 13.77 20.71 -6.98
CA ARG B 18 14.67 19.81 -7.71
C ARG B 18 14.97 18.56 -6.90
N ALA B 19 15.11 18.68 -5.59
CA ALA B 19 15.37 17.53 -4.72
C ALA B 19 14.20 16.55 -4.76
N ALA B 20 12.98 17.07 -4.62
CA ALA B 20 11.79 16.23 -4.77
C ALA B 20 11.73 15.55 -6.14
N ALA B 21 12.02 16.31 -7.21
CA ALA B 21 12.06 15.73 -8.54
C ALA B 21 13.05 14.58 -8.64
N ARG B 22 14.24 14.75 -8.05
CA ARG B 22 15.24 13.68 -8.11
C ARG B 22 14.84 12.48 -7.28
N ARG B 23 14.11 12.68 -6.18
CA ARG B 23 13.62 11.53 -5.43
C ARG B 23 12.58 10.75 -6.23
N LEU B 24 11.67 11.46 -6.90
CA LEU B 24 10.67 10.75 -7.72
C LEU B 24 11.33 10.00 -8.86
N ALA B 25 12.20 10.69 -9.60
CA ALA B 25 12.83 10.07 -10.76
C ALA B 25 13.72 8.92 -10.34
N GLU B 26 14.44 9.06 -9.22
CA GLU B 26 15.31 7.99 -8.76
C GLU B 26 14.50 6.77 -8.34
N ALA B 27 13.35 6.98 -7.69
CA ALA B 27 12.51 5.86 -7.30
C ALA B 27 11.97 5.12 -8.52
N LEU B 28 11.62 5.84 -9.59
CA LEU B 28 11.20 5.11 -10.78
C LEU B 28 12.37 4.39 -11.43
N ARG B 29 13.56 4.99 -11.39
CA ARG B 29 14.72 4.35 -12.00
C ARG B 29 15.10 3.08 -11.24
N LYS B 30 14.83 3.01 -9.94
CA LYS B 30 15.18 1.82 -9.16
C LYS B 30 14.28 0.63 -9.47
N ALA B 31 13.60 0.66 -10.62
CA ALA B 31 12.77 -0.46 -11.02
C ALA B 31 13.32 -1.19 -12.23
N GLY B 32 14.47 -0.76 -12.76
CA GLY B 32 15.15 -1.41 -13.86
C GLY B 32 14.38 -1.53 -15.15
N VAL B 33 13.27 -0.81 -15.26
CA VAL B 33 12.41 -0.86 -16.43
C VAL B 33 12.53 0.47 -17.16
N SER B 34 12.53 0.40 -18.48
CA SER B 34 12.73 1.58 -19.31
C SER B 34 11.44 1.84 -20.06
N GLY B 35 11.13 3.11 -20.26
CA GLY B 35 9.91 3.49 -20.89
C GLY B 35 9.51 4.92 -20.57
N PRO B 36 8.36 5.34 -21.11
CA PRO B 36 7.91 6.73 -20.91
C PRO B 36 7.49 6.98 -19.47
N VAL B 37 7.94 8.10 -18.94
CA VAL B 37 7.53 8.55 -17.62
C VAL B 37 6.62 9.75 -17.83
N THR B 38 5.41 9.65 -17.34
CA THR B 38 4.48 10.76 -17.39
C THR B 38 4.51 11.42 -16.03
N VAL B 39 4.87 12.69 -16.01
CA VAL B 39 4.93 13.49 -14.80
C VAL B 39 3.78 14.48 -14.82
N THR B 40 3.27 14.79 -13.63
CA THR B 40 2.14 15.68 -13.44
C THR B 40 2.35 16.54 -12.21
N ALA B 41 2.00 17.82 -12.34
CA ALA B 41 1.91 18.74 -11.21
C ALA B 41 0.48 19.23 -11.11
N GLU B 42 -0.15 18.97 -9.96
CA GLU B 42 -1.52 19.40 -9.70
C GLU B 42 -1.53 20.47 -8.62
N ALA B 43 -2.16 21.61 -8.91
CA ALA B 43 -2.23 22.69 -7.94
C ALA B 43 -3.54 23.42 -8.14
N GLY B 44 -4.35 23.48 -7.08
CA GLY B 44 -5.64 24.16 -7.13
C GLY B 44 -6.54 23.61 -8.21
N ASP B 45 -6.79 24.42 -9.24
CA ASP B 45 -7.66 24.01 -10.33
C ASP B 45 -6.90 23.86 -11.64
N VAL B 46 -5.59 23.68 -11.57
CA VAL B 46 -4.73 23.54 -12.73
C VAL B 46 -3.88 22.29 -12.58
N SER B 47 -3.45 21.75 -13.72
CA SER B 47 -2.59 20.57 -13.73
C SER B 47 -1.75 20.64 -15.00
N PHE B 48 -0.46 20.27 -14.89
CA PHE B 48 0.41 20.22 -16.06
C PHE B 48 1.18 18.90 -16.11
N SER B 49 1.30 18.35 -17.32
CA SER B 49 1.86 17.02 -17.52
C SER B 49 2.90 17.04 -18.65
N TYR B 50 3.99 16.31 -18.44
CA TYR B 50 4.95 16.10 -19.51
C TYR B 50 5.36 14.63 -19.50
N THR B 51 6.01 14.22 -20.58
CA THR B 51 6.50 12.84 -20.68
C THR B 51 7.97 12.87 -21.05
N ALA B 52 8.78 12.11 -20.31
CA ALA B 52 10.21 12.01 -20.56
C ALA B 52 10.60 10.55 -20.52
N ASP B 53 11.40 10.14 -21.50
CA ASP B 53 11.77 8.75 -21.66
C ASP B 53 12.86 8.39 -20.66
N LEU B 54 12.63 7.36 -19.88
CA LEU B 54 13.61 6.84 -18.94
C LEU B 54 14.24 5.60 -19.57
N ASP B 55 15.44 5.75 -20.15
CA ASP B 55 16.07 4.70 -20.94
C ASP B 55 17.20 3.96 -20.23
N GLY B 56 17.80 4.57 -19.20
CA GLY B 56 18.93 3.98 -18.50
C GLY B 56 20.10 4.94 -18.45
N THR B 57 20.16 5.80 -19.46
CA THR B 57 21.13 6.89 -19.51
C THR B 57 20.94 7.86 -18.34
N GLU B 58 22.05 8.42 -17.84
CA GLU B 58 21.98 9.51 -16.86
C GLU B 58 21.18 10.69 -17.39
N GLU B 59 21.41 11.05 -18.65
CA GLU B 59 20.71 12.18 -19.25
C GLU B 59 19.22 11.91 -19.36
N GLY B 60 18.81 10.66 -19.57
CA GLY B 60 17.39 10.35 -19.55
C GLY B 60 16.77 10.59 -18.19
N LEU B 61 17.50 10.21 -17.13
CA LEU B 61 17.02 10.49 -15.78
C LEU B 61 16.93 12.00 -15.54
N LYS B 62 17.92 12.76 -16.02
CA LYS B 62 17.84 14.21 -15.81
C LYS B 62 16.74 14.84 -16.66
N ARG B 63 16.38 14.21 -17.80
CA ARG B 63 15.18 14.60 -18.54
C ARG B 63 13.95 14.45 -17.66
N VAL B 64 13.82 13.31 -16.97
CA VAL B 64 12.65 13.13 -16.12
C VAL B 64 12.63 14.19 -15.02
N VAL B 65 13.80 14.44 -14.40
CA VAL B 65 13.88 15.45 -13.35
C VAL B 65 13.44 16.81 -13.88
N GLU B 66 13.84 17.13 -15.11
CA GLU B 66 13.49 18.42 -15.68
C GLU B 66 12.03 18.50 -16.13
N ALA B 67 11.43 17.39 -16.55
CA ALA B 67 9.99 17.38 -16.77
C ALA B 67 9.25 17.69 -15.47
N ILE B 68 9.68 17.06 -14.37
CA ILE B 68 9.01 17.30 -13.10
C ILE B 68 9.16 18.76 -12.69
N VAL B 69 10.38 19.33 -12.80
CA VAL B 69 10.56 20.70 -12.32
C VAL B 69 9.84 21.70 -13.22
N ARG B 70 9.77 21.43 -14.52
CA ARG B 70 8.94 22.20 -15.44
C ARG B 70 7.49 22.25 -14.97
N ALA B 71 6.88 21.07 -14.80
CA ALA B 71 5.49 20.99 -14.33
C ALA B 71 5.29 21.70 -13.00
N ALA B 72 6.24 21.53 -12.07
CA ALA B 72 6.14 22.18 -10.78
C ALA B 72 6.08 23.70 -10.93
N ILE B 73 7.02 24.28 -11.69
CA ILE B 73 7.05 25.73 -11.85
C ILE B 73 5.76 26.21 -12.54
N ALA B 74 5.28 25.46 -13.53
CA ALA B 74 4.01 25.82 -14.15
C ALA B 74 2.87 25.87 -13.14
N ALA B 75 2.79 24.86 -12.26
CA ALA B 75 1.70 24.78 -11.31
C ALA B 75 1.78 25.91 -10.28
N LEU B 76 2.99 26.19 -9.79
CA LEU B 76 3.11 27.22 -8.77
C LEU B 76 2.86 28.61 -9.35
N LYS B 77 3.39 28.88 -10.54
CA LYS B 77 3.08 30.16 -11.19
C LYS B 77 1.60 30.29 -11.49
N ALA B 78 0.99 29.21 -11.99
CA ALA B 78 -0.43 29.25 -12.32
C ALA B 78 -1.33 29.40 -11.10
N THR B 79 -0.87 29.02 -9.91
CA THR B 79 -1.66 29.22 -8.70
C THR B 79 -1.14 30.35 -7.82
N GLY B 80 -0.19 31.15 -8.31
CA GLY B 80 0.34 32.28 -7.55
C GLY B 80 1.14 31.91 -6.32
N GLY B 81 1.66 30.70 -6.25
CA GLY B 81 2.44 30.30 -5.08
C GLY B 81 1.64 30.32 -3.80
N THR B 82 0.33 30.11 -3.88
CA THR B 82 -0.54 30.11 -2.71
C THR B 82 -1.13 28.74 -2.41
N LYS B 83 -0.81 27.73 -3.22
CA LYS B 83 -1.39 26.40 -3.07
C LYS B 83 -0.30 25.33 -3.20
N PRO B 84 -0.40 24.26 -2.40
CA PRO B 84 0.58 23.16 -2.53
C PRO B 84 0.48 22.52 -3.90
N VAL B 85 1.57 21.90 -4.33
CA VAL B 85 1.61 21.23 -5.63
C VAL B 85 1.88 19.75 -5.39
N LEU B 86 1.04 18.90 -5.97
CA LEU B 86 1.24 17.45 -5.89
C LEU B 86 1.95 17.04 -7.18
N LEU B 87 3.21 16.64 -7.02
CA LEU B 87 4.03 16.10 -8.07
C LEU B 87 3.91 14.58 -8.10
N SER B 88 3.77 14.03 -9.30
CA SER B 88 3.64 12.60 -9.47
C SER B 88 4.34 12.19 -10.76
N ALA B 89 4.85 10.97 -10.77
CA ALA B 89 5.61 10.42 -11.88
C ALA B 89 5.21 8.96 -12.03
N VAL B 90 4.83 8.55 -13.23
CA VAL B 90 4.36 7.21 -13.50
C VAL B 90 5.17 6.62 -14.65
N LEU B 91 5.61 5.37 -14.48
CA LEU B 91 6.38 4.64 -15.50
C LEU B 91 5.54 3.49 -16.05
N ALA C 2 -24.90 -2.78 7.05
CA ALA C 2 -24.59 -3.95 7.87
C ALA C 2 -23.09 -4.05 8.16
N SER C 3 -22.76 -4.23 9.44
CA SER C 3 -21.39 -4.23 9.91
C SER C 3 -21.32 -5.04 11.20
N ALA C 4 -20.24 -5.82 11.36
CA ALA C 4 -20.07 -6.60 12.57
C ALA C 4 -18.59 -6.78 12.86
N GLU C 5 -18.21 -6.62 14.12
CA GLU C 5 -16.83 -6.81 14.55
C GLU C 5 -16.80 -7.51 15.90
N ALA C 6 -15.75 -8.27 16.11
CA ALA C 6 -15.50 -8.95 17.37
C ALA C 6 -14.00 -9.02 17.59
N GLU C 7 -13.57 -8.94 18.84
CA GLU C 7 -12.17 -9.04 19.17
C GLU C 7 -11.89 -10.43 19.74
N VAL C 8 -10.96 -11.13 19.09
CA VAL C 8 -10.56 -12.49 19.45
C VAL C 8 -9.21 -12.47 20.17
N LYS C 9 -9.12 -13.23 21.27
CA LYS C 9 -7.93 -13.31 22.10
C LYS C 9 -6.76 -13.89 21.32
N PRO C 10 -5.52 -13.56 21.71
CA PRO C 10 -4.37 -14.05 20.93
C PRO C 10 -4.22 -15.56 20.98
N ASP C 11 -4.52 -16.19 22.13
CA ASP C 11 -4.39 -17.63 22.32
C ASP C 11 -5.66 -18.39 21.92
N ALA C 12 -6.56 -17.77 21.18
CA ALA C 12 -7.85 -18.39 20.89
C ALA C 12 -7.69 -19.52 19.87
N THR C 13 -8.49 -20.56 20.04
CA THR C 13 -8.45 -21.71 19.15
C THR C 13 -9.10 -21.41 17.79
N ILE C 14 -8.82 -22.29 16.83
CA ILE C 14 -9.44 -22.17 15.51
C ILE C 14 -10.96 -22.29 15.62
N GLU C 15 -11.43 -23.18 16.49
CA GLU C 15 -12.86 -23.35 16.66
C GLU C 15 -13.50 -22.10 17.23
N GLU C 16 -12.82 -21.44 18.17
CA GLU C 16 -13.35 -20.20 18.72
C GLU C 16 -13.40 -19.10 17.67
N ILE C 17 -12.33 -18.96 16.89
CA ILE C 17 -12.30 -17.90 15.90
C ILE C 17 -13.37 -18.14 14.84
N ARG C 18 -13.58 -19.41 14.46
CA ARG C 18 -14.64 -19.71 13.50
C ARG C 18 -16.02 -19.43 14.07
N ALA C 19 -16.22 -19.69 15.37
CA ALA C 19 -17.50 -19.37 15.99
C ALA C 19 -17.78 -17.87 15.94
N ALA C 20 -16.78 -17.05 16.31
CA ALA C 20 -16.91 -15.60 16.17
C ALA C 20 -17.19 -15.21 14.72
N ALA C 21 -16.48 -15.83 13.78
CA ALA C 21 -16.69 -15.54 12.37
C ALA C 21 -18.14 -15.80 11.97
N ARG C 22 -18.72 -16.90 12.44
CA ARG C 22 -20.10 -17.21 12.09
C ARG C 22 -21.07 -16.23 12.73
N ARG C 23 -20.77 -15.71 13.93
CA ARG C 23 -21.67 -14.69 14.47
C ARG C 23 -21.62 -13.41 13.63
N LEU C 24 -20.44 -13.02 13.17
CA LEU C 24 -20.32 -11.83 12.33
C LEU C 24 -21.05 -12.03 11.00
N ALA C 25 -20.79 -13.15 10.33
CA ALA C 25 -21.39 -13.41 9.02
C ALA C 25 -22.91 -13.58 9.12
N GLU C 26 -23.41 -14.21 10.19
CA GLU C 26 -24.86 -14.35 10.30
C GLU C 26 -25.51 -13.02 10.67
N ALA C 27 -24.80 -12.16 11.42
CA ALA C 27 -25.35 -10.83 11.63
C ALA C 27 -25.48 -10.08 10.31
N LEU C 28 -24.49 -10.23 9.41
CA LEU C 28 -24.64 -9.58 8.11
C LEU C 28 -25.75 -10.21 7.30
N ARG C 29 -25.92 -11.53 7.42
CA ARG C 29 -26.96 -12.22 6.68
C ARG C 29 -28.35 -11.76 7.09
N LYS C 30 -28.54 -11.41 8.37
CA LYS C 30 -29.87 -11.00 8.83
C LYS C 30 -30.30 -9.61 8.33
N ALA C 31 -29.70 -9.13 7.24
CA ALA C 31 -30.10 -7.85 6.66
C ALA C 31 -30.75 -8.04 5.30
N GLY C 32 -30.96 -9.28 4.86
CA GLY C 32 -31.66 -9.63 3.65
C GLY C 32 -31.10 -9.03 2.37
N VAL C 33 -29.90 -8.45 2.47
CA VAL C 33 -29.26 -7.77 1.36
C VAL C 33 -28.08 -8.63 0.94
N SER C 34 -27.84 -8.70 -0.36
CA SER C 34 -26.81 -9.55 -0.89
C SER C 34 -25.80 -8.67 -1.62
N GLY C 35 -24.52 -9.03 -1.50
CA GLY C 35 -23.45 -8.25 -2.07
C GLY C 35 -22.08 -8.54 -1.46
N PRO C 36 -21.06 -7.81 -1.92
CA PRO C 36 -19.70 -8.05 -1.43
C PRO C 36 -19.52 -7.67 0.03
N VAL C 37 -18.87 -8.55 0.77
CA VAL C 37 -18.52 -8.36 2.17
C VAL C 37 -17.02 -8.14 2.25
N THR C 38 -16.61 -7.03 2.87
CA THR C 38 -15.20 -6.75 3.09
C THR C 38 -14.86 -7.16 4.52
N VAL C 39 -13.93 -8.10 4.63
CA VAL C 39 -13.49 -8.66 5.90
C VAL C 39 -12.11 -8.11 6.20
N THR C 40 -11.86 -7.84 7.47
CA THR C 40 -10.60 -7.24 7.90
C THR C 40 -10.22 -7.84 9.25
N ALA C 41 -8.94 -8.16 9.39
CA ALA C 41 -8.37 -8.56 10.67
C ALA C 41 -7.26 -7.58 11.00
N GLU C 42 -7.37 -6.92 12.15
CA GLU C 42 -6.38 -5.97 12.62
C GLU C 42 -5.71 -6.53 13.87
N ALA C 43 -4.37 -6.50 13.89
CA ALA C 43 -3.60 -7.01 15.03
C ALA C 43 -2.36 -6.16 15.21
N GLY C 44 -2.22 -5.53 16.37
CA GLY C 44 -1.07 -4.69 16.64
C GLY C 44 -0.91 -3.56 15.66
N ASP C 45 0.10 -3.64 14.80
CA ASP C 45 0.37 -2.63 13.79
C ASP C 45 0.18 -3.17 12.37
N VAL C 46 -0.62 -4.22 12.23
CA VAL C 46 -0.85 -4.88 10.95
C VAL C 46 -2.35 -5.04 10.71
N SER C 47 -2.76 -5.07 9.44
CA SER C 47 -4.16 -5.23 9.08
C SER C 47 -4.29 -5.88 7.71
N PHE C 48 -5.26 -6.79 7.56
CA PHE C 48 -5.51 -7.47 6.29
C PHE C 48 -6.98 -7.48 5.93
N SER C 49 -7.29 -7.32 4.64
CA SER C 49 -8.66 -7.23 4.17
C SER C 49 -8.83 -8.15 2.96
N TYR C 50 -9.97 -8.86 2.91
CA TYR C 50 -10.33 -9.67 1.77
C TYR C 50 -11.81 -9.41 1.49
N THR C 51 -12.28 -9.81 0.33
CA THR C 51 -13.69 -9.60 -0.02
C THR C 51 -14.27 -10.95 -0.40
N ALA C 52 -15.46 -11.25 0.12
CA ALA C 52 -16.18 -12.47 -0.17
C ALA C 52 -17.63 -12.10 -0.44
N ASP C 53 -18.21 -12.69 -1.48
CA ASP C 53 -19.57 -12.35 -1.88
C ASP C 53 -20.58 -13.06 -1.01
N LEU C 54 -21.52 -12.29 -0.46
CA LEU C 54 -22.65 -12.83 0.28
C LEU C 54 -23.79 -12.92 -0.75
N ASP C 55 -23.97 -14.14 -1.29
CA ASP C 55 -24.82 -14.35 -2.45
C ASP C 55 -26.20 -14.94 -2.14
N GLY C 56 -26.36 -15.64 -1.03
CA GLY C 56 -27.66 -16.18 -0.68
C GLY C 56 -27.67 -17.67 -0.44
N THR C 57 -26.82 -18.41 -1.14
CA THR C 57 -26.62 -19.81 -0.83
C THR C 57 -26.06 -19.95 0.58
N GLU C 58 -26.35 -21.10 1.20
CA GLU C 58 -25.71 -21.47 2.46
C GLU C 58 -24.19 -21.42 2.37
N GLU C 59 -23.64 -21.86 1.24
CA GLU C 59 -22.21 -21.85 1.03
C GLU C 59 -21.64 -20.45 1.00
N GLY C 60 -22.44 -19.45 0.62
CA GLY C 60 -21.97 -18.07 0.69
C GLY C 60 -21.70 -17.63 2.12
N LEU C 61 -22.52 -18.06 3.06
CA LEU C 61 -22.26 -17.71 4.45
C LEU C 61 -20.94 -18.32 4.91
N LYS C 62 -20.67 -19.57 4.51
CA LYS C 62 -19.44 -20.26 4.89
C LYS C 62 -18.23 -19.64 4.19
N ARG C 63 -18.36 -19.38 2.89
CA ARG C 63 -17.56 -18.39 2.16
C ARG C 63 -17.04 -17.27 3.05
N VAL C 64 -17.97 -16.46 3.54
CA VAL C 64 -17.60 -15.30 4.33
C VAL C 64 -16.93 -15.72 5.64
N VAL C 65 -17.45 -16.77 6.29
CA VAL C 65 -16.88 -17.25 7.57
C VAL C 65 -15.41 -17.64 7.42
N GLU C 66 -15.09 -18.37 6.37
CA GLU C 66 -13.71 -18.80 6.22
C GLU C 66 -12.82 -17.69 5.71
N ALA C 67 -13.36 -16.75 4.95
CA ALA C 67 -12.61 -15.54 4.68
C ALA C 67 -12.25 -14.85 5.99
N ILE C 68 -13.18 -14.79 6.93
CA ILE C 68 -12.94 -14.11 8.21
C ILE C 68 -11.83 -14.80 8.99
N VAL C 69 -11.91 -16.12 9.18
CA VAL C 69 -10.91 -16.76 10.04
C VAL C 69 -9.56 -16.86 9.34
N ARG C 70 -9.55 -16.94 8.01
CA ARG C 70 -8.31 -16.80 7.26
C ARG C 70 -7.61 -15.51 7.62
N ALA C 71 -8.33 -14.39 7.47
CA ALA C 71 -7.74 -13.10 7.83
C ALA C 71 -7.29 -13.10 9.29
N ALA C 72 -8.07 -13.74 10.17
CA ALA C 72 -7.72 -13.77 11.58
C ALA C 72 -6.39 -14.46 11.82
N ILE C 73 -6.26 -15.71 11.37
CA ILE C 73 -5.02 -16.46 11.63
C ILE C 73 -3.84 -15.75 10.99
N ALA C 74 -4.06 -15.15 9.81
CA ALA C 74 -3.01 -14.33 9.21
C ALA C 74 -2.58 -13.23 10.17
N ALA C 75 -3.55 -12.59 10.83
CA ALA C 75 -3.21 -11.50 11.73
C ALA C 75 -2.43 -12.00 12.96
N LEU C 76 -2.87 -13.09 13.60
CA LEU C 76 -2.19 -13.50 14.82
C LEU C 76 -0.82 -14.07 14.51
N LYS C 77 -0.67 -14.84 13.44
CA LYS C 77 0.68 -15.28 13.11
C LYS C 77 1.58 -14.09 12.76
N ALA C 78 1.06 -13.11 12.01
CA ALA C 78 1.89 -11.94 11.69
C ALA C 78 2.23 -11.12 12.93
N THR C 79 1.45 -11.25 14.01
CA THR C 79 1.75 -10.55 15.26
C THR C 79 2.34 -11.49 16.31
N GLY C 80 2.67 -12.72 15.92
CA GLY C 80 3.25 -13.72 16.79
C GLY C 80 2.34 -14.27 17.87
N GLY C 81 1.02 -14.10 17.71
CA GLY C 81 0.08 -14.65 18.69
C GLY C 81 0.20 -14.08 20.08
N THR C 82 0.63 -12.82 20.20
CA THR C 82 0.72 -12.17 21.50
C THR C 82 -0.21 -10.99 21.63
N LYS C 83 -1.01 -10.69 20.61
CA LYS C 83 -1.89 -9.54 20.68
C LYS C 83 -3.26 -9.94 20.15
N PRO C 84 -4.34 -9.38 20.74
CA PRO C 84 -5.69 -9.68 20.24
C PRO C 84 -5.87 -9.18 18.81
N VAL C 85 -6.85 -9.77 18.13
CA VAL C 85 -7.16 -9.42 16.74
C VAL C 85 -8.60 -8.92 16.68
N LEU C 86 -8.80 -7.77 16.03
CA LEU C 86 -10.14 -7.24 15.79
C LEU C 86 -10.59 -7.68 14.41
N LEU C 87 -11.58 -8.58 14.39
CA LEU C 87 -12.24 -9.05 13.18
C LEU C 87 -13.42 -8.16 12.86
N SER C 88 -13.58 -7.82 11.58
CA SER C 88 -14.69 -6.99 11.16
C SER C 88 -15.11 -7.41 9.75
N ALA C 89 -16.41 -7.25 9.49
CA ALA C 89 -17.03 -7.61 8.22
C ALA C 89 -18.07 -6.55 7.90
N VAL C 90 -17.99 -5.96 6.71
CA VAL C 90 -18.89 -4.89 6.32
C VAL C 90 -19.59 -5.25 5.01
N LEU C 91 -20.91 -5.11 5.01
CA LEU C 91 -21.75 -5.38 3.85
C LEU C 91 -22.37 -4.07 3.35
#